data_3GCO
#
_entry.id   3GCO
#
_cell.length_a   119.408
_cell.length_b   119.408
_cell.length_c   119.408
_cell.angle_alpha   90.000
_cell.angle_beta   90.000
_cell.angle_gamma   90.000
#
_symmetry.space_group_name_H-M   'P 21 3'
#
loop_
_entity.id
_entity.type
_entity.pdbx_description
1 polymer 'Protease degS'
2 polymer 'DNRDGNVYQF peptide'
#
loop_
_entity_poly.entity_id
_entity_poly.type
_entity_poly.pdbx_seq_one_letter_code
_entity_poly.pdbx_strand_id
1 'polypeptide(L)'
;MRGSHHHHHHGRSLNPLSTPQFDSTDETPASYNLAVRRAAPAVVNVYNRGLNTNSHNQLEIRTLGSGVIMDQRGYIITNK
HVINDADQIIVALQDGRVFEALLVGSDSLTDLAVLKINATGGLPTIPINARRVPHIGDVVLAIGNPYNLGQTITQGIISA
TGRIGLNPTGRQNFLQTDASINPGN(MIS)GGALVNSLGELMGINTLSFDKSNDGETPEGIGFAIPFQLATKIMDKLIRD
GRVIRGYIGIGGREIAPLHAQGGGIDQLQGIVVNEVSPDGPAANAGIQVNDLIISVDNKPAISALETMAQVAEIRPGSVI
PVVVMRDDKQLTLQVTIQEYPATN
;
A
2 'polypeptide(L)' DNRDGNVYQF B
#
# COMPACT_ATOMS: atom_id res chain seq x y z
N ASP A 23 -0.59 44.82 20.08
CA ASP A 23 -1.21 45.36 18.88
C ASP A 23 -0.21 45.41 17.72
N SER A 24 1.07 45.20 18.04
CA SER A 24 2.09 45.04 17.01
C SER A 24 2.73 43.67 17.16
N THR A 25 3.29 43.14 16.08
CA THR A 25 3.80 41.77 16.12
C THR A 25 5.28 41.63 15.76
N ASP A 26 6.06 41.23 16.76
CA ASP A 26 7.35 40.58 16.52
C ASP A 26 7.04 39.11 16.65
N GLU A 27 5.75 38.82 16.77
CA GLU A 27 5.25 37.49 17.06
C GLU A 27 5.47 36.50 15.91
N THR A 28 5.45 35.22 16.24
CA THR A 28 5.67 34.17 15.25
C THR A 28 4.38 33.40 14.97
N PRO A 29 3.93 33.41 13.71
CA PRO A 29 2.74 32.70 13.26
C PRO A 29 2.87 31.19 13.44
N ALA A 30 1.86 30.56 14.03
CA ALA A 30 1.83 29.10 14.07
C ALA A 30 1.92 28.55 12.64
N SER A 31 2.91 27.71 12.39
CA SER A 31 3.15 27.22 11.03
C SER A 31 3.71 25.81 11.00
N TYR A 32 3.45 25.12 9.91
CA TYR A 32 4.00 23.79 9.69
C TYR A 32 4.98 23.85 8.52
N ASN A 33 5.48 25.05 8.25
CA ASN A 33 6.41 25.29 7.16
C ASN A 33 7.67 24.43 7.24
N LEU A 34 8.16 24.21 8.47
CA LEU A 34 9.34 23.38 8.67
C LEU A 34 9.11 21.97 8.11
N ALA A 35 8.02 21.34 8.51
CA ALA A 35 7.67 20.03 7.96
C ALA A 35 7.57 20.11 6.45
N VAL A 36 7.05 21.21 5.94
CA VAL A 36 6.90 21.40 4.50
C VAL A 36 8.25 21.46 3.80
N ARG A 37 9.16 22.24 4.37
CA ARG A 37 10.48 22.43 3.78
C ARG A 37 11.32 21.16 3.82
N ARG A 38 11.08 20.34 4.83
CA ARG A 38 11.82 19.09 4.99
C ARG A 38 11.35 17.99 4.03
N ALA A 39 10.04 17.92 3.81
CA ALA A 39 9.44 16.79 3.09
C ALA A 39 9.00 17.07 1.66
N ALA A 40 8.50 18.27 1.40
CA ALA A 40 7.91 18.58 0.10
C ALA A 40 8.80 18.31 -1.12
N PRO A 41 10.09 18.70 -1.04
CA PRO A 41 10.96 18.53 -2.21
C PRO A 41 11.04 17.08 -2.69
N ALA A 42 10.93 16.14 -1.76
CA ALA A 42 11.01 14.72 -2.08
C ALA A 42 9.72 14.20 -2.70
N VAL A 43 8.65 14.99 -2.63
CA VAL A 43 7.38 14.58 -3.20
C VAL A 43 7.25 15.05 -4.64
N VAL A 44 6.99 14.12 -5.54
CA VAL A 44 7.07 14.40 -6.97
C VAL A 44 5.73 14.28 -7.66
N ASN A 45 5.65 14.85 -8.86
CA ASN A 45 4.46 14.74 -9.69
C ASN A 45 4.63 13.58 -10.68
N VAL A 46 3.76 12.59 -10.56
CA VAL A 46 3.83 11.40 -11.42
C VAL A 46 2.80 11.47 -12.53
N TYR A 47 3.27 11.36 -13.77
CA TYR A 47 2.40 11.44 -14.93
C TYR A 47 2.39 10.15 -15.72
N ASN A 48 1.22 9.51 -15.79
CA ASN A 48 1.03 8.31 -16.59
C ASN A 48 0.54 8.70 -17.96
N ARG A 49 1.42 8.54 -18.95
CA ARG A 49 1.09 8.92 -20.32
C ARG A 49 0.87 7.72 -21.20
N GLY A 50 -0.21 7.76 -21.97
CA GLY A 50 -0.54 6.65 -22.83
C GLY A 50 -0.99 7.07 -24.21
N LEU A 51 -0.74 6.21 -25.19
CA LEU A 51 -1.19 6.42 -26.56
C LEU A 51 -2.68 6.15 -26.68
N ASN A 52 -3.36 6.89 -27.54
CA ASN A 52 -4.77 6.66 -27.80
C ASN A 52 -5.00 6.33 -29.28
N THR A 53 -6.00 5.48 -29.54
CA THR A 53 -6.48 5.29 -30.89
C THR A 53 -6.83 6.68 -31.39
N ASN A 54 -7.38 7.48 -30.48
CA ASN A 54 -7.62 8.89 -30.71
C ASN A 54 -6.30 9.63 -30.89
N SER A 55 -5.37 9.41 -29.96
CA SER A 55 -4.06 10.08 -29.95
C SER A 55 -3.39 10.19 -31.30
N HIS A 56 -3.57 9.16 -32.12
CA HIS A 56 -2.76 8.99 -33.32
C HIS A 56 -1.31 9.39 -33.07
N ASN A 57 -0.61 8.55 -32.31
CA ASN A 57 0.83 8.68 -32.11
C ASN A 57 1.23 9.83 -31.19
N GLN A 58 0.25 10.38 -30.47
CA GLN A 58 0.50 11.48 -29.54
C GLN A 58 0.23 11.05 -28.11
N LEU A 59 1.19 11.28 -27.22
CA LEU A 59 1.04 10.91 -25.83
C LEU A 59 0.02 11.79 -25.13
N GLU A 60 -0.90 11.16 -24.40
CA GLU A 60 -1.85 11.91 -23.61
C GLU A 60 -1.80 11.38 -22.18
N ILE A 61 -2.12 12.25 -21.22
CA ILE A 61 -2.14 11.85 -19.82
C ILE A 61 -3.38 11.02 -19.54
N ARG A 62 -3.18 9.74 -19.24
CA ARG A 62 -4.26 8.86 -18.84
C ARG A 62 -4.70 9.24 -17.41
N THR A 63 -3.74 9.17 -16.49
CA THR A 63 -3.98 9.55 -15.10
C THR A 63 -2.73 10.20 -14.53
N LEU A 64 -2.90 10.95 -13.45
CA LEU A 64 -1.76 11.59 -12.78
C LEU A 64 -1.88 11.47 -11.28
N GLY A 65 -0.74 11.56 -10.60
CA GLY A 65 -0.70 11.43 -9.15
C GLY A 65 0.61 11.96 -8.61
N SER A 66 1.00 11.46 -7.45
CA SER A 66 2.22 11.90 -6.80
C SER A 66 3.14 10.72 -6.52
N GLY A 67 4.33 11.01 -6.01
CA GLY A 67 5.28 9.98 -5.67
C GLY A 67 6.23 10.50 -4.62
N VAL A 68 6.86 9.57 -3.90
CA VAL A 68 7.82 9.94 -2.87
C VAL A 68 9.20 9.37 -3.18
N ILE A 69 10.21 10.23 -3.15
CA ILE A 69 11.58 9.77 -3.34
C ILE A 69 12.10 9.18 -2.03
N MET A 70 12.25 7.85 -2.01
CA MET A 70 12.60 7.13 -0.80
C MET A 70 14.08 7.24 -0.43
N ASP A 71 14.96 7.11 -1.42
CA ASP A 71 16.40 7.22 -1.18
C ASP A 71 17.14 7.80 -2.40
N GLN A 72 18.38 8.22 -2.19
CA GLN A 72 19.13 8.95 -3.20
C GLN A 72 19.50 8.16 -4.45
N ARG A 73 19.24 6.85 -4.44
CA ARG A 73 19.48 6.04 -5.62
C ARG A 73 18.44 6.36 -6.68
N GLY A 74 17.40 7.08 -6.27
CA GLY A 74 16.34 7.49 -7.18
C GLY A 74 15.18 6.53 -7.25
N TYR A 75 14.96 5.79 -6.16
CA TYR A 75 13.81 4.92 -6.07
C TYR A 75 12.61 5.70 -5.52
N ILE A 76 11.48 5.59 -6.21
CA ILE A 76 10.30 6.36 -5.88
C ILE A 76 9.11 5.47 -5.60
N ILE A 77 8.40 5.75 -4.51
CA ILE A 77 7.16 5.05 -4.22
C ILE A 77 5.95 5.81 -4.79
N THR A 78 4.98 5.05 -5.28
CA THR A 78 3.73 5.61 -5.78
C THR A 78 2.65 4.55 -5.73
N ASN A 79 1.42 4.90 -6.11
CA ASN A 79 0.35 3.92 -6.16
C ASN A 79 0.38 3.16 -7.47
N LYS A 80 -0.02 1.89 -7.43
CA LYS A 80 -0.04 1.08 -8.64
C LYS A 80 -1.08 1.59 -9.63
N HIS A 81 -2.25 1.98 -9.14
CA HIS A 81 -3.32 2.42 -10.03
C HIS A 81 -2.98 3.73 -10.75
N VAL A 82 -1.95 4.42 -10.25
CA VAL A 82 -1.48 5.62 -10.92
C VAL A 82 -0.66 5.29 -12.17
N ILE A 83 0.10 4.20 -12.14
CA ILE A 83 1.03 3.89 -13.22
C ILE A 83 0.60 2.70 -14.09
N ASN A 84 -0.56 2.13 -13.81
CA ASN A 84 -1.08 1.01 -14.60
C ASN A 84 -1.20 1.33 -16.08
N ASP A 85 -0.77 0.39 -16.91
CA ASP A 85 -0.93 0.49 -18.37
C ASP A 85 -0.34 1.78 -18.94
N ALA A 86 0.84 2.14 -18.44
CA ALA A 86 1.51 3.35 -18.92
C ALA A 86 2.46 3.05 -20.07
N ASP A 87 2.32 3.79 -21.17
CA ASP A 87 3.25 3.71 -22.27
C ASP A 87 4.51 4.51 -21.91
N GLN A 88 4.31 5.50 -21.04
CA GLN A 88 5.43 6.27 -20.52
C GLN A 88 5.07 6.84 -19.15
N ILE A 89 6.06 6.88 -18.26
CA ILE A 89 5.88 7.43 -16.92
C ILE A 89 6.83 8.60 -16.70
N ILE A 90 6.27 9.77 -16.42
CA ILE A 90 7.06 10.98 -16.23
C ILE A 90 7.06 11.45 -14.77
N VAL A 91 8.25 11.68 -14.24
CA VAL A 91 8.40 12.16 -12.87
C VAL A 91 8.92 13.59 -12.84
N ALA A 92 8.15 14.50 -12.24
CA ALA A 92 8.55 15.90 -12.17
C ALA A 92 8.85 16.32 -10.74
N LEU A 93 10.07 16.78 -10.51
CA LEU A 93 10.46 17.30 -9.20
C LEU A 93 10.04 18.77 -9.05
N GLN A 94 9.91 19.22 -7.81
CA GLN A 94 9.50 20.58 -7.53
C GLN A 94 10.57 21.60 -7.91
N ASP A 95 11.80 21.14 -8.05
CA ASP A 95 12.90 22.04 -8.40
C ASP A 95 13.00 22.25 -9.91
N GLY A 96 12.10 21.61 -10.66
CA GLY A 96 12.04 21.79 -12.09
C GLY A 96 12.47 20.57 -12.89
N ARG A 97 13.33 19.76 -12.31
CA ARG A 97 13.87 18.60 -13.02
C ARG A 97 12.77 17.61 -13.43
N VAL A 98 12.89 17.12 -14.66
CA VAL A 98 11.94 16.15 -15.19
C VAL A 98 12.69 14.89 -15.61
N PHE A 99 12.13 13.73 -15.26
CA PHE A 99 12.73 12.46 -15.62
C PHE A 99 11.68 11.56 -16.25
N GLU A 100 12.16 10.57 -17.01
CA GLU A 100 11.34 9.45 -17.39
C GLU A 100 11.72 8.33 -16.45
N ALA A 101 10.74 7.58 -15.96
CA ALA A 101 11.00 6.62 -14.89
C ALA A 101 10.83 5.18 -15.33
N LEU A 102 11.64 4.29 -14.75
CA LEU A 102 11.54 2.87 -15.01
C LEU A 102 10.65 2.21 -13.97
N LEU A 103 9.69 1.42 -14.42
CA LEU A 103 8.83 0.69 -13.51
C LEU A 103 9.56 -0.52 -12.93
N VAL A 104 10.07 -0.36 -11.71
CA VAL A 104 10.78 -1.43 -11.02
C VAL A 104 9.87 -2.61 -10.72
N GLY A 105 8.64 -2.31 -10.29
CA GLY A 105 7.68 -3.34 -9.97
C GLY A 105 6.43 -2.79 -9.31
N SER A 106 5.39 -3.61 -9.23
CA SER A 106 4.14 -3.18 -8.61
C SER A 106 3.45 -4.34 -7.89
N ASP A 107 2.56 -4.00 -6.97
CA ASP A 107 1.85 -5.00 -6.18
C ASP A 107 0.38 -4.60 -5.99
N SER A 108 -0.51 -5.32 -6.64
CA SER A 108 -1.95 -5.05 -6.54
C SER A 108 -2.44 -5.08 -5.11
N LEU A 109 -1.90 -6.02 -4.32
CA LEU A 109 -2.40 -6.23 -2.96
C LEU A 109 -2.27 -4.99 -2.09
N THR A 110 -1.12 -4.32 -2.16
CA THR A 110 -0.89 -3.13 -1.36
C THR A 110 -1.17 -1.87 -2.19
N ASP A 111 -1.41 -2.06 -3.49
CA ASP A 111 -1.57 -0.96 -4.41
C ASP A 111 -0.33 -0.06 -4.43
N LEU A 112 0.84 -0.67 -4.31
CA LEU A 112 2.10 0.07 -4.36
C LEU A 112 2.86 -0.22 -5.65
N ALA A 113 3.73 0.71 -6.03
CA ALA A 113 4.60 0.54 -7.17
C ALA A 113 5.88 1.33 -6.95
N VAL A 114 6.99 0.83 -7.48
CA VAL A 114 8.28 1.50 -7.35
C VAL A 114 8.81 1.97 -8.69
N LEU A 115 9.34 3.18 -8.72
CA LEU A 115 9.89 3.75 -9.95
C LEU A 115 11.37 4.06 -9.75
N LYS A 116 12.11 4.12 -10.84
CA LYS A 116 13.54 4.42 -10.80
C LYS A 116 13.87 5.55 -11.77
N ILE A 117 14.74 6.47 -11.35
CA ILE A 117 15.15 7.58 -12.20
C ILE A 117 16.66 7.89 -12.11
N ASN A 118 17.15 8.65 -13.08
CA ASN A 118 18.54 9.09 -13.14
C ASN A 118 19.02 9.74 -11.84
N ALA A 119 20.07 9.18 -11.25
CA ALA A 119 20.53 9.62 -9.93
C ALA A 119 21.71 10.59 -9.97
N THR A 120 22.12 11.00 -11.17
CA THR A 120 23.23 11.95 -11.31
C THR A 120 22.88 13.26 -10.61
N GLY A 121 23.87 13.84 -9.94
CA GLY A 121 23.65 15.05 -9.18
C GLY A 121 23.07 14.70 -7.82
N GLY A 122 22.10 15.50 -7.37
CA GLY A 122 21.52 15.30 -6.06
C GLY A 122 20.01 15.11 -6.10
N LEU A 123 19.52 14.14 -5.36
CA LEU A 123 18.09 13.91 -5.24
C LEU A 123 17.63 14.17 -3.80
N PRO A 124 16.48 14.84 -3.64
CA PRO A 124 15.91 15.07 -2.32
C PRO A 124 15.24 13.79 -1.83
N THR A 125 15.33 13.49 -0.55
CA THR A 125 14.71 12.29 -0.02
C THR A 125 13.72 12.63 1.10
N ILE A 126 12.66 11.83 1.19
CA ILE A 126 11.67 12.01 2.22
C ILE A 126 12.22 11.57 3.57
N PRO A 127 12.13 12.45 4.58
CA PRO A 127 12.61 12.09 5.92
C PRO A 127 11.90 10.85 6.46
N ILE A 128 12.67 9.82 6.79
CA ILE A 128 12.11 8.61 7.39
C ILE A 128 12.72 8.35 8.77
N ASN A 129 11.87 7.95 9.71
CA ASN A 129 12.32 7.62 11.06
C ASN A 129 11.65 6.34 11.52
N ALA A 130 12.34 5.22 11.33
CA ALA A 130 11.75 3.90 11.56
C ALA A 130 11.37 3.66 13.02
N ARG A 131 11.97 4.44 13.92
CA ARG A 131 11.69 4.27 15.35
C ARG A 131 10.43 5.04 15.78
N ARG A 132 9.93 5.88 14.89
CA ARG A 132 8.77 6.71 15.20
C ARG A 132 7.46 5.93 15.18
N VAL A 133 6.66 6.12 16.24
CA VAL A 133 5.36 5.46 16.32
C VAL A 133 4.23 6.44 16.07
N PRO A 134 3.56 6.31 14.90
CA PRO A 134 2.43 7.17 14.57
C PRO A 134 1.33 7.05 15.62
N HIS A 135 0.89 8.17 16.18
CA HIS A 135 -0.16 8.14 17.18
C HIS A 135 -1.43 8.83 16.70
N ILE A 136 -2.57 8.24 17.07
CA ILE A 136 -3.86 8.86 16.79
C ILE A 136 -3.93 10.23 17.43
N GLY A 137 -4.16 11.24 16.61
CA GLY A 137 -4.18 12.62 17.08
C GLY A 137 -2.96 13.40 16.66
N ASP A 138 -1.99 12.72 16.04
CA ASP A 138 -0.81 13.39 15.52
C ASP A 138 -1.20 14.28 14.34
N VAL A 139 -0.75 15.53 14.38
CA VAL A 139 -0.90 16.42 13.24
C VAL A 139 -0.14 15.86 12.05
N VAL A 140 -0.77 15.88 10.88
CA VAL A 140 -0.10 15.40 9.68
C VAL A 140 -0.43 16.29 8.49
N LEU A 141 0.50 16.35 7.55
CA LEU A 141 0.29 17.09 6.32
C LEU A 141 0.21 16.10 5.16
N ALA A 142 -0.72 16.33 4.25
CA ALA A 142 -0.77 15.54 3.03
C ALA A 142 -0.14 16.37 1.93
N ILE A 143 0.79 15.76 1.20
CA ILE A 143 1.50 16.46 0.14
C ILE A 143 1.31 15.72 -1.16
N GLY A 144 0.82 16.43 -2.17
CA GLY A 144 0.50 15.81 -3.45
C GLY A 144 0.08 16.82 -4.48
N ASN A 145 -0.42 16.32 -5.61
CA ASN A 145 -0.72 17.17 -6.75
C ASN A 145 -2.17 17.00 -7.22
N PRO A 146 -3.12 17.43 -6.39
CA PRO A 146 -4.56 17.27 -6.67
C PRO A 146 -4.98 18.05 -7.91
N TYR A 147 -5.71 17.39 -8.81
CA TYR A 147 -6.21 18.02 -10.02
C TYR A 147 -5.12 18.74 -10.81
N ASN A 148 -3.87 18.36 -10.58
CA ASN A 148 -2.73 18.92 -11.31
C ASN A 148 -2.61 20.43 -11.17
N LEU A 149 -3.01 20.96 -10.02
CA LEU A 149 -2.89 22.39 -9.75
C LEU A 149 -1.47 22.74 -9.36
N GLY A 150 -0.71 21.72 -8.99
CA GLY A 150 0.61 21.91 -8.44
C GLY A 150 0.66 21.34 -7.03
N GLN A 151 1.82 21.40 -6.40
CA GLN A 151 1.98 20.76 -5.11
C GLN A 151 1.12 21.43 -4.05
N THR A 152 0.20 20.65 -3.49
CA THR A 152 -0.72 21.16 -2.49
C THR A 152 -0.43 20.54 -1.12
N ILE A 153 -0.45 21.37 -0.09
CA ILE A 153 -0.29 20.91 1.29
C ILE A 153 -1.59 21.07 2.07
N THR A 154 -2.15 19.96 2.55
CA THR A 154 -3.31 20.03 3.41
C THR A 154 -3.00 19.50 4.81
N GLN A 155 -3.67 20.03 5.81
CA GLN A 155 -3.38 19.66 7.20
C GLN A 155 -4.55 18.93 7.87
N GLY A 156 -4.22 17.86 8.57
CA GLY A 156 -5.20 17.10 9.32
C GLY A 156 -4.54 16.39 10.49
N ILE A 157 -5.20 15.36 11.01
CA ILE A 157 -4.61 14.51 12.03
C ILE A 157 -4.72 13.05 11.64
N ILE A 158 -4.08 12.18 12.39
CA ILE A 158 -4.28 10.75 12.22
C ILE A 158 -5.56 10.34 12.96
N SER A 159 -6.58 10.00 12.19
CA SER A 159 -7.90 9.71 12.76
C SER A 159 -7.99 8.30 13.32
N ALA A 160 -7.16 7.41 12.79
CA ALA A 160 -7.16 6.01 13.22
C ALA A 160 -5.99 5.24 12.60
N THR A 161 -5.72 4.06 13.15
CA THR A 161 -4.70 3.18 12.60
C THR A 161 -5.27 1.78 12.40
N GLY A 162 -4.62 0.98 11.56
CA GLY A 162 -5.03 -0.40 11.33
C GLY A 162 -6.39 -0.53 10.70
N ARG A 163 -6.77 0.42 9.85
CA ARG A 163 -8.05 0.39 9.19
C ARG A 163 -8.01 -0.49 7.94
N ILE A 164 -9.06 -1.29 7.74
CA ILE A 164 -9.12 -2.21 6.62
C ILE A 164 -9.33 -1.49 5.27
N GLY A 165 -9.96 -0.31 5.33
CA GLY A 165 -10.25 0.44 4.13
C GLY A 165 -11.72 0.39 3.74
N LEU A 166 -12.00 0.58 2.46
CA LEU A 166 -13.39 0.52 1.97
C LEU A 166 -13.83 -0.94 1.82
N ASN A 167 -12.90 -1.79 1.40
CA ASN A 167 -13.17 -3.20 1.18
C ASN A 167 -12.74 -4.06 2.36
N PRO A 168 -13.70 -4.80 2.95
CA PRO A 168 -13.41 -5.66 4.11
C PRO A 168 -12.46 -6.80 3.76
N THR A 169 -12.78 -7.53 2.69
CA THR A 169 -11.95 -8.65 2.25
C THR A 169 -10.53 -8.18 1.93
N GLY A 170 -9.55 -9.07 2.12
CA GLY A 170 -8.16 -8.76 1.85
C GLY A 170 -7.71 -7.49 2.54
N ARG A 171 -8.15 -7.32 3.79
CA ARG A 171 -7.88 -6.12 4.55
C ARG A 171 -6.39 -5.82 4.69
N GLN A 172 -6.04 -4.54 4.61
CA GLN A 172 -4.67 -4.08 4.79
C GLN A 172 -4.68 -2.94 5.81
N ASN A 173 -3.59 -2.82 6.56
CA ASN A 173 -3.50 -1.73 7.52
C ASN A 173 -3.46 -0.37 6.84
N PHE A 174 -4.31 0.54 7.30
CA PHE A 174 -4.40 1.88 6.74
C PHE A 174 -4.39 2.90 7.86
N LEU A 175 -3.59 3.94 7.71
CA LEU A 175 -3.80 5.13 8.53
C LEU A 175 -4.99 5.85 7.94
N GLN A 176 -5.87 6.33 8.81
CA GLN A 176 -7.00 7.14 8.35
C GLN A 176 -6.72 8.58 8.73
N THR A 177 -6.96 9.50 7.80
CA THR A 177 -6.70 10.91 8.07
C THR A 177 -7.77 11.82 7.51
N ASP A 178 -8.00 12.94 8.20
CA ASP A 178 -8.95 13.93 7.74
C ASP A 178 -8.25 15.08 7.01
N ALA A 179 -6.96 14.92 6.77
CA ALA A 179 -6.26 15.82 5.87
C ALA A 179 -6.88 15.66 4.49
N SER A 180 -7.33 16.77 3.91
CA SER A 180 -8.01 16.73 2.63
C SER A 180 -7.21 16.02 1.55
N ILE A 181 -7.81 14.98 0.99
CA ILE A 181 -7.23 14.18 -0.08
C ILE A 181 -8.15 14.25 -1.30
N ASN A 182 -7.59 14.57 -2.47
CA ASN A 182 -8.34 14.59 -3.71
C ASN A 182 -7.63 13.80 -4.81
N PRO A 183 -8.30 13.58 -5.95
CA PRO A 183 -7.63 12.96 -7.10
C PRO A 183 -6.35 13.70 -7.46
N GLY A 184 -5.25 12.98 -7.59
CA GLY A 184 -3.94 13.59 -7.78
C GLY A 184 -3.04 13.41 -6.56
N ASN A 185 -3.66 13.23 -5.40
CA ASN A 185 -2.93 13.02 -4.16
C ASN A 185 -2.36 11.60 -4.03
N GLY A 187 -0.37 8.30 -4.08
CA GLY A 187 1.06 8.04 -4.19
C GLY A 187 1.92 9.07 -3.48
N GLY A 188 1.29 10.17 -3.06
CA GLY A 188 1.98 11.22 -2.35
C GLY A 188 2.20 10.88 -0.89
N ALA A 189 2.77 11.83 -0.15
CA ALA A 189 3.19 11.55 1.22
C ALA A 189 2.28 12.14 2.28
N LEU A 190 2.17 11.42 3.39
CA LEU A 190 1.58 11.94 4.60
C LEU A 190 2.72 12.06 5.60
N VAL A 191 2.87 13.23 6.22
CA VAL A 191 3.96 13.44 7.15
C VAL A 191 3.48 14.11 8.43
N ASN A 192 4.26 14.00 9.49
CA ASN A 192 3.95 14.70 10.74
C ASN A 192 4.57 16.09 10.76
N SER A 193 4.45 16.78 11.87
CA SER A 193 4.94 18.16 11.97
C SER A 193 6.47 18.24 11.88
N LEU A 194 7.14 17.10 12.08
CA LEU A 194 8.59 17.06 12.02
C LEU A 194 9.08 16.77 10.61
N GLY A 195 8.16 16.46 9.71
CA GLY A 195 8.51 16.16 8.33
C GLY A 195 8.65 14.67 8.06
N GLU A 196 8.62 13.87 9.13
CA GLU A 196 8.79 12.43 9.00
C GLU A 196 7.63 11.79 8.22
N LEU A 197 7.96 10.84 7.36
CA LEU A 197 6.96 10.13 6.57
C LEU A 197 6.06 9.26 7.44
N MET A 198 4.75 9.50 7.36
CA MET A 198 3.79 8.70 8.11
C MET A 198 3.14 7.65 7.21
N GLY A 199 2.99 7.97 5.93
CA GLY A 199 2.36 7.04 5.00
C GLY A 199 2.26 7.54 3.58
N ILE A 200 1.64 6.71 2.73
CA ILE A 200 1.46 7.05 1.33
C ILE A 200 -0.04 7.17 1.03
N ASN A 201 -0.50 8.40 0.78
CA ASN A 201 -1.91 8.62 0.52
C ASN A 201 -2.37 7.79 -0.66
N THR A 202 -3.43 7.02 -0.47
CA THR A 202 -3.85 6.02 -1.44
C THR A 202 -5.30 6.13 -1.84
N LEU A 203 -6.18 6.20 -0.84
CA LEU A 203 -7.60 6.07 -1.10
C LEU A 203 -8.41 7.05 -0.26
N SER A 204 -9.57 7.44 -0.77
CA SER A 204 -10.54 8.20 0.01
C SER A 204 -11.89 7.51 -0.02
N PHE A 205 -12.70 7.75 1.01
CA PHE A 205 -13.98 7.09 1.20
C PHE A 205 -15.08 7.86 0.48
N ASP A 206 -15.82 7.17 -0.40
CA ASP A 206 -16.87 7.82 -1.19
C ASP A 206 -18.24 7.15 -1.06
N LYS A 207 -18.32 6.09 -0.27
CA LYS A 207 -19.55 5.31 -0.15
C LYS A 207 -20.80 6.17 0.03
N SER A 208 -21.74 6.03 -0.89
CA SER A 208 -22.99 6.79 -0.88
C SER A 208 -23.60 6.91 0.51
N ASN A 209 -24.00 5.78 1.08
CA ASN A 209 -24.66 5.76 2.38
C ASN A 209 -25.73 6.85 2.47
N ASP A 210 -26.70 6.77 1.57
CA ASP A 210 -27.81 7.73 1.48
C ASP A 210 -27.53 8.86 0.51
N GLY A 211 -26.41 8.77 -0.21
CA GLY A 211 -26.13 9.69 -1.30
C GLY A 211 -25.36 10.95 -0.96
N GLU A 212 -25.07 11.17 0.32
CA GLU A 212 -24.32 12.34 0.73
C GLU A 212 -22.83 12.12 0.49
N THR A 213 -22.04 13.19 0.66
CA THR A 213 -20.61 13.13 0.41
C THR A 213 -19.81 12.99 1.71
N PRO A 214 -19.06 11.89 1.85
CA PRO A 214 -18.22 11.67 3.03
C PRO A 214 -17.16 12.75 3.13
N GLU A 215 -16.95 13.28 4.34
CA GLU A 215 -16.05 14.40 4.54
C GLU A 215 -14.88 14.03 5.46
N GLY A 216 -13.66 14.39 5.04
CA GLY A 216 -12.48 14.20 5.85
C GLY A 216 -12.13 12.76 6.18
N ILE A 217 -12.34 11.86 5.23
CA ILE A 217 -12.01 10.45 5.43
C ILE A 217 -11.16 9.89 4.30
N GLY A 218 -9.85 9.78 4.54
CA GLY A 218 -8.92 9.28 3.55
C GLY A 218 -7.90 8.37 4.19
N PHE A 219 -7.35 7.47 3.37
CA PHE A 219 -6.47 6.43 3.88
C PHE A 219 -5.07 6.49 3.29
N ALA A 220 -4.08 6.09 4.10
CA ALA A 220 -2.71 6.01 3.65
C ALA A 220 -2.08 4.69 4.06
N ILE A 221 -1.30 4.10 3.15
CA ILE A 221 -0.48 2.95 3.50
C ILE A 221 0.56 3.40 4.51
N PRO A 222 0.65 2.71 5.65
CA PRO A 222 1.61 3.09 6.68
C PRO A 222 3.02 3.04 6.12
N PHE A 223 3.91 3.89 6.62
CA PHE A 223 5.24 4.00 6.03
C PHE A 223 6.06 2.71 6.19
N GLN A 224 5.93 2.05 7.33
CA GLN A 224 6.66 0.81 7.58
C GLN A 224 6.37 -0.23 6.51
N LEU A 225 5.09 -0.39 6.18
CA LEU A 225 4.69 -1.33 5.14
C LEU A 225 5.22 -0.89 3.78
N ALA A 226 5.12 0.41 3.51
CA ALA A 226 5.63 0.96 2.25
C ALA A 226 7.07 0.54 2.05
N THR A 227 7.89 0.79 3.08
CA THR A 227 9.29 0.43 3.05
C THR A 227 9.53 -1.04 2.73
N LYS A 228 8.95 -1.93 3.52
CA LYS A 228 9.12 -3.36 3.30
C LYS A 228 8.77 -3.75 1.87
N ILE A 229 7.68 -3.22 1.35
CA ILE A 229 7.24 -3.54 0.00
C ILE A 229 8.17 -2.98 -1.06
N MET A 230 8.69 -1.77 -0.83
CA MET A 230 9.63 -1.18 -1.75
C MET A 230 10.90 -2.03 -1.81
N ASP A 231 11.39 -2.43 -0.64
CA ASP A 231 12.59 -3.25 -0.54
C ASP A 231 12.43 -4.59 -1.27
N LYS A 232 11.21 -5.11 -1.29
CA LYS A 232 10.94 -6.38 -1.95
C LYS A 232 10.78 -6.22 -3.47
N LEU A 233 10.33 -5.06 -3.90
CA LEU A 233 10.15 -4.81 -5.33
C LEU A 233 11.47 -4.46 -6.00
N ILE A 234 12.42 -3.95 -5.22
CA ILE A 234 13.74 -3.64 -5.74
C ILE A 234 14.57 -4.90 -5.85
N ARG A 235 14.38 -5.81 -4.90
CA ARG A 235 15.09 -7.07 -4.86
C ARG A 235 14.60 -8.00 -5.97
N ASP A 236 13.28 -8.10 -6.11
CA ASP A 236 12.67 -8.90 -7.17
C ASP A 236 11.67 -8.05 -7.93
N GLY A 237 11.35 -8.44 -9.15
CA GLY A 237 10.42 -7.69 -9.97
C GLY A 237 9.04 -7.59 -9.37
N ARG A 238 8.78 -8.41 -8.35
CA ARG A 238 7.45 -8.51 -7.76
C ARG A 238 7.55 -8.76 -6.27
N VAL A 239 6.40 -8.94 -5.62
CA VAL A 239 6.36 -9.28 -4.21
C VAL A 239 6.00 -10.76 -4.08
N ILE A 240 6.82 -11.50 -3.35
CA ILE A 240 6.68 -12.95 -3.26
C ILE A 240 6.01 -13.40 -1.96
N ARG A 241 4.88 -14.08 -2.09
CA ARG A 241 4.12 -14.54 -0.92
C ARG A 241 3.77 -16.02 -1.01
N GLY A 242 3.52 -16.64 0.14
CA GLY A 242 3.06 -18.01 0.19
C GLY A 242 1.56 -18.10 -0.03
N TYR A 243 1.13 -19.15 -0.71
CA TYR A 243 -0.27 -19.30 -1.10
C TYR A 243 -0.84 -20.65 -0.70
N ILE A 244 -1.94 -20.63 0.04
CA ILE A 244 -2.59 -21.85 0.51
C ILE A 244 -3.83 -22.12 -0.32
N GLY A 245 -4.32 -21.06 -0.97
CA GLY A 245 -5.52 -21.14 -1.77
C GLY A 245 -6.72 -21.62 -1.00
N ILE A 246 -7.13 -20.87 0.02
CA ILE A 246 -8.37 -21.17 0.71
C ILE A 246 -9.08 -19.87 1.06
N GLY A 247 -10.38 -19.99 1.26
CA GLY A 247 -11.18 -18.85 1.66
C GLY A 247 -12.05 -19.22 2.83
N GLY A 248 -12.12 -18.34 3.82
CA GLY A 248 -12.89 -18.62 5.01
C GLY A 248 -13.08 -17.40 5.88
N ARG A 249 -14.06 -17.46 6.78
CA ARG A 249 -14.35 -16.37 7.68
C ARG A 249 -14.06 -16.78 9.12
N GLU A 250 -13.20 -16.01 9.79
CA GLU A 250 -12.80 -16.28 11.17
C GLU A 250 -13.07 -17.71 11.61
N GLN A 265 -12.57 -22.09 19.63
CA GLN A 265 -12.44 -21.18 18.50
C GLN A 265 -11.65 -21.81 17.36
N GLY A 266 -11.86 -21.32 16.14
CA GLY A 266 -11.17 -21.84 14.98
C GLY A 266 -11.62 -21.21 13.67
N ILE A 267 -10.98 -21.63 12.57
CA ILE A 267 -11.28 -21.09 11.24
C ILE A 267 -11.91 -22.13 10.33
N VAL A 268 -12.87 -21.69 9.51
CA VAL A 268 -13.57 -22.58 8.59
C VAL A 268 -13.08 -22.43 7.15
N VAL A 269 -12.96 -23.55 6.46
CA VAL A 269 -12.53 -23.54 5.06
C VAL A 269 -13.74 -23.56 4.12
N ASN A 270 -13.92 -22.48 3.37
CA ASN A 270 -15.04 -22.37 2.44
C ASN A 270 -14.61 -22.53 0.98
N GLU A 271 -13.52 -21.85 0.62
CA GLU A 271 -13.11 -21.77 -0.78
C GLU A 271 -12.70 -23.12 -1.37
N VAL A 272 -13.03 -23.30 -2.65
CA VAL A 272 -12.71 -24.51 -3.38
C VAL A 272 -11.21 -24.77 -3.43
N SER A 273 -10.43 -23.70 -3.65
CA SER A 273 -8.98 -23.79 -3.66
C SER A 273 -8.47 -24.78 -4.71
N PRO A 274 -9.15 -24.85 -5.87
CA PRO A 274 -8.86 -25.96 -6.78
C PRO A 274 -7.40 -25.99 -7.20
N ASP A 275 -6.81 -27.19 -7.22
CA ASP A 275 -5.42 -27.37 -7.62
C ASP A 275 -4.44 -26.93 -6.56
N GLY A 276 -3.15 -26.96 -6.89
CA GLY A 276 -2.11 -26.49 -6.01
C GLY A 276 -2.12 -27.09 -4.62
N PRO A 277 -2.22 -26.23 -3.59
CA PRO A 277 -2.09 -26.64 -2.19
C PRO A 277 -3.29 -27.48 -1.78
N ALA A 278 -4.46 -27.09 -2.26
CA ALA A 278 -5.70 -27.76 -1.91
C ALA A 278 -5.75 -29.17 -2.47
N ALA A 279 -5.24 -29.35 -3.68
CA ALA A 279 -5.19 -30.66 -4.30
C ALA A 279 -4.05 -31.47 -3.69
N ASN A 280 -2.87 -30.86 -3.64
CA ASN A 280 -1.70 -31.50 -3.04
C ASN A 280 -2.00 -32.06 -1.65
N ALA A 281 -2.78 -31.32 -0.87
CA ALA A 281 -3.16 -31.75 0.46
C ALA A 281 -4.50 -32.48 0.42
N GLY A 282 -5.25 -32.29 -0.65
CA GLY A 282 -6.57 -32.88 -0.77
C GLY A 282 -7.48 -32.41 0.34
N ILE A 283 -7.36 -31.12 0.68
CA ILE A 283 -8.15 -30.53 1.77
C ILE A 283 -9.64 -30.75 1.56
N GLN A 284 -10.35 -30.96 2.66
CA GLN A 284 -11.79 -31.12 2.62
C GLN A 284 -12.50 -29.88 3.15
N VAL A 285 -13.27 -29.24 2.27
CA VAL A 285 -14.02 -28.04 2.62
C VAL A 285 -15.01 -28.33 3.76
N ASN A 286 -15.38 -27.29 4.50
CA ASN A 286 -16.30 -27.39 5.63
C ASN A 286 -15.63 -27.81 6.94
N ASP A 287 -14.30 -27.88 6.93
CA ASP A 287 -13.54 -28.26 8.11
C ASP A 287 -12.93 -27.04 8.80
N LEU A 288 -12.64 -27.19 10.10
CA LEU A 288 -12.09 -26.10 10.90
C LEU A 288 -10.64 -26.34 11.27
N ILE A 289 -9.79 -25.36 11.01
CA ILE A 289 -8.35 -25.50 11.22
C ILE A 289 -7.90 -24.91 12.55
N ILE A 290 -7.67 -25.78 13.54
CA ILE A 290 -7.28 -25.35 14.88
C ILE A 290 -5.94 -24.60 14.92
N SER A 291 -4.89 -25.21 14.38
CA SER A 291 -3.57 -24.59 14.43
C SER A 291 -2.68 -25.03 13.27
N VAL A 292 -1.64 -24.25 13.01
CA VAL A 292 -0.71 -24.53 11.91
C VAL A 292 0.70 -24.01 12.22
N ASP A 293 1.71 -24.77 11.81
CA ASP A 293 3.10 -24.33 11.90
C ASP A 293 3.49 -23.85 13.29
N ASN A 294 3.45 -24.77 14.26
CA ASN A 294 3.81 -24.48 15.65
C ASN A 294 3.24 -23.18 16.23
N LYS A 295 2.13 -22.71 15.65
CA LYS A 295 1.50 -21.49 16.12
C LYS A 295 -0.02 -21.61 16.13
N PRO A 296 -0.68 -20.84 17.01
CA PRO A 296 -2.14 -20.88 17.16
C PRO A 296 -2.84 -20.15 16.02
N ALA A 297 -4.09 -20.50 15.76
CA ALA A 297 -4.87 -19.87 14.71
C ALA A 297 -6.25 -19.45 15.23
N ILE A 298 -6.29 -18.36 16.00
CA ILE A 298 -7.55 -17.84 16.51
C ILE A 298 -8.25 -16.99 15.44
N SER A 299 -7.46 -16.18 14.75
CA SER A 299 -8.01 -15.31 13.70
C SER A 299 -7.33 -15.58 12.36
N ALA A 300 -8.14 -15.60 11.30
CA ALA A 300 -7.65 -15.89 9.96
C ALA A 300 -6.67 -14.83 9.46
N LEU A 301 -6.86 -13.59 9.89
CA LEU A 301 -5.99 -12.49 9.47
C LEU A 301 -4.55 -12.71 9.95
N GLU A 302 -4.40 -13.06 11.22
CA GLU A 302 -3.08 -13.35 11.77
C GLU A 302 -2.49 -14.58 11.09
N THR A 303 -3.37 -15.47 10.66
CA THR A 303 -2.96 -16.69 9.98
C THR A 303 -2.57 -16.43 8.54
N MET A 304 -3.37 -15.64 7.84
CA MET A 304 -3.12 -15.32 6.43
C MET A 304 -1.79 -14.59 6.27
N ALA A 305 -1.48 -13.71 7.22
CA ALA A 305 -0.21 -13.01 7.22
C ALA A 305 0.91 -14.03 7.27
N GLN A 306 0.84 -14.93 8.25
CA GLN A 306 1.84 -15.98 8.43
C GLN A 306 2.07 -16.78 7.15
N VAL A 307 0.97 -17.15 6.49
CA VAL A 307 1.05 -17.93 5.26
C VAL A 307 1.84 -17.20 4.18
N ALA A 308 1.69 -15.88 4.13
CA ALA A 308 2.36 -15.07 3.11
C ALA A 308 3.86 -15.00 3.35
N GLU A 309 4.27 -14.99 4.62
CA GLU A 309 5.68 -14.88 4.97
C GLU A 309 6.46 -16.08 4.45
N ILE A 310 5.93 -17.27 4.67
CA ILE A 310 6.60 -18.51 4.32
C ILE A 310 6.96 -18.57 2.83
N ARG A 311 8.16 -19.07 2.55
CA ARG A 311 8.65 -19.19 1.18
C ARG A 311 7.81 -20.20 0.38
N PRO A 312 7.70 -19.98 -0.94
CA PRO A 312 6.95 -20.88 -1.83
C PRO A 312 7.64 -22.23 -2.00
N GLY A 313 6.87 -23.30 -1.93
CA GLY A 313 7.40 -24.64 -2.11
C GLY A 313 7.60 -25.40 -0.82
N SER A 314 7.51 -24.71 0.31
CA SER A 314 7.69 -25.33 1.61
C SER A 314 6.45 -26.09 2.06
N VAL A 315 6.67 -27.11 2.89
CA VAL A 315 5.58 -27.96 3.36
C VAL A 315 5.52 -27.97 4.89
N ILE A 316 4.35 -27.67 5.44
CA ILE A 316 4.16 -27.63 6.89
C ILE A 316 2.84 -28.28 7.30
N PRO A 317 2.70 -28.61 8.60
CA PRO A 317 1.49 -29.28 9.10
C PRO A 317 0.28 -28.37 9.19
N VAL A 318 -0.90 -28.94 8.97
CA VAL A 318 -2.16 -28.23 9.10
C VAL A 318 -3.12 -29.04 9.97
N VAL A 319 -3.60 -28.43 11.05
CA VAL A 319 -4.44 -29.13 12.02
C VAL A 319 -5.90 -28.72 11.91
N VAL A 320 -6.76 -29.66 11.53
CA VAL A 320 -8.19 -29.39 11.39
C VAL A 320 -9.03 -30.35 12.23
N MET A 321 -10.20 -29.88 12.67
CA MET A 321 -11.15 -30.71 13.39
C MET A 321 -12.32 -31.09 12.50
N ARG A 322 -12.26 -32.30 11.94
CA ARG A 322 -13.34 -32.80 11.10
C ARG A 322 -14.08 -33.93 11.79
N ASP A 323 -15.37 -33.73 12.04
CA ASP A 323 -16.17 -34.71 12.76
C ASP A 323 -15.64 -34.86 14.19
N ASP A 324 -15.15 -33.76 14.73
CA ASP A 324 -14.59 -33.74 16.09
C ASP A 324 -13.32 -34.61 16.16
N LYS A 325 -12.63 -34.74 15.04
CA LYS A 325 -11.41 -35.53 14.98
C LYS A 325 -10.21 -34.70 14.56
N GLN A 326 -9.12 -34.82 15.31
CA GLN A 326 -7.91 -34.04 15.05
C GLN A 326 -7.10 -34.63 13.89
N LEU A 327 -7.57 -34.39 12.68
CA LEU A 327 -6.89 -34.89 11.48
C LEU A 327 -5.75 -33.96 11.09
N THR A 328 -4.70 -34.52 10.49
CA THR A 328 -3.56 -33.73 10.03
C THR A 328 -3.21 -34.07 8.59
N LEU A 329 -3.06 -33.04 7.76
CA LEU A 329 -2.70 -33.22 6.36
C LEU A 329 -1.46 -32.41 5.98
N GLN A 330 -0.51 -33.07 5.33
CA GLN A 330 0.68 -32.41 4.84
C GLN A 330 0.33 -31.63 3.57
N VAL A 331 0.90 -30.45 3.40
CA VAL A 331 0.59 -29.60 2.25
C VAL A 331 1.75 -28.70 1.83
N THR A 332 1.92 -28.56 0.52
CA THR A 332 3.00 -27.75 -0.04
C THR A 332 2.52 -26.34 -0.40
N ILE A 333 3.14 -25.34 0.22
CA ILE A 333 2.86 -23.95 -0.13
C ILE A 333 3.39 -23.66 -1.52
N GLN A 334 2.82 -22.66 -2.18
CA GLN A 334 3.32 -22.21 -3.47
C GLN A 334 3.21 -20.69 -3.57
N GLU A 335 4.04 -20.11 -4.43
CA GLU A 335 4.04 -18.65 -4.60
C GLU A 335 2.64 -18.15 -4.96
N TYR A 336 2.22 -17.08 -4.32
CA TYR A 336 0.91 -16.49 -4.57
C TYR A 336 0.73 -16.22 -6.06
N PRO A 337 -0.40 -16.66 -6.62
CA PRO A 337 -0.75 -16.43 -8.03
C PRO A 337 -0.77 -14.94 -8.38
N ALA A 338 -0.17 -14.59 -9.51
CA ALA A 338 -0.12 -13.20 -9.94
C ALA A 338 -1.52 -12.65 -10.14
N THR A 339 -1.69 -11.35 -9.90
CA THR A 339 -2.98 -10.70 -10.05
C THR A 339 -3.06 -9.94 -11.38
N VAL B 7 -14.78 -15.64 3.69
CA VAL B 7 -14.72 -14.38 2.98
C VAL B 7 -13.28 -13.96 2.66
N TYR B 8 -12.35 -14.39 3.51
CA TYR B 8 -10.93 -14.10 3.31
C TYR B 8 -10.23 -15.21 2.56
N GLN B 9 -9.57 -14.87 1.46
CA GLN B 9 -8.82 -15.85 0.68
C GLN B 9 -7.32 -15.66 0.83
N PHE B 10 -6.61 -16.75 1.10
CA PHE B 10 -5.15 -16.71 1.25
C PHE B 10 -4.54 -18.08 0.98
#